data_8P43
#
_entry.id   8P43
#
_cell.length_a   59.560
_cell.length_b   72.797
_cell.length_c   96.515
_cell.angle_alpha   90.000
_cell.angle_beta   90.000
_cell.angle_gamma   90.000
#
_symmetry.space_group_name_H-M   'P 21 21 21'
#
loop_
_entity.id
_entity.type
_entity.pdbx_description
1 polymer 'H-2 class I histocompatibility antigen, Qa-1b'
2 polymer Beta-2-microglobulin
3 polymer 'Q001 peptide'
4 non-polymer 'NICKEL (II) ION'
5 water water
#
loop_
_entity_poly.entity_id
_entity_poly.type
_entity_poly.pdbx_seq_one_letter_code
_entity_poly.pdbx_strand_id
1 'polypeptide(L)'
;SPHSLRYFTTAVSRPGLGEPRFIIVGYVDDTQFVRFDSDAENPRMEPRARWIEQEGPEYWERETWKARDMGRNFRVNLRT
LLGYYNQSNDESHTLQWMYGCDVGPDGRLLRGYCQEAYDGQDYISLNEDLRSWTANDIASQISKHKSEAVDEAHQQRAYL
QGPCVEWLHRYLRLGNETLQRSDPPKAHVTHHPRSEDEVTLRCWALGFYPADITLTWQLNGEELTQDMELVETRPAGDGT
FQKWAAVVVPLGKEQYYTCHVYHEGLPEPLTLRWEPP
;
A
2 'polypeptide(L)'
;MIQKTPQIQVYSRHPPENGKPNILNCYVTQFHPPHIEIQMLKNGKKIPKVEMSDMSFSKDWSFYILAHTEFTPTETDTYA
CRVKHDSMAEPKTVYWDRDM
;
B
3 'polypeptide(L)' AQAERTPEL P
#
loop_
_chem_comp.id
_chem_comp.type
_chem_comp.name
_chem_comp.formula
NI non-polymer 'NICKEL (II) ION' 'Ni 2'
#
# COMPACT_ATOMS: atom_id res chain seq x y z
N SER A 1 5.42 -3.50 -21.45
CA SER A 1 5.40 -2.75 -20.20
C SER A 1 5.98 -3.58 -19.04
N PRO A 2 6.42 -2.90 -17.98
CA PRO A 2 6.77 -3.61 -16.74
C PRO A 2 5.48 -3.94 -15.97
N HIS A 3 5.34 -5.20 -15.57
CA HIS A 3 4.17 -5.65 -14.82
C HIS A 3 4.62 -6.60 -13.72
N SER A 4 3.87 -6.60 -12.62
CA SER A 4 4.23 -7.42 -11.49
C SER A 4 2.98 -8.06 -10.91
N LEU A 5 3.17 -9.27 -10.39
CA LEU A 5 2.20 -9.95 -9.53
C LEU A 5 2.87 -10.12 -8.18
N ARG A 6 2.20 -9.70 -7.10
CA ARG A 6 2.79 -9.78 -5.77
C ARG A 6 1.72 -10.17 -4.76
N TYR A 7 2.10 -10.97 -3.77
CA TYR A 7 1.22 -11.32 -2.66
C TYR A 7 1.83 -10.83 -1.36
N PHE A 8 1.02 -10.16 -0.55
CA PHE A 8 1.45 -9.58 0.73
C PHE A 8 0.75 -10.31 1.86
N THR A 9 1.52 -10.99 2.70
CA THR A 9 0.97 -11.87 3.73
C THR A 9 1.42 -11.40 5.11
N THR A 10 0.47 -11.27 6.03
CA THR A 10 0.74 -10.85 7.39
C THR A 10 0.03 -11.80 8.33
N ALA A 11 0.77 -12.31 9.31
CA ALA A 11 0.24 -13.10 10.42
C ALA A 11 0.55 -12.34 11.69
N VAL A 12 -0.43 -12.23 12.57
CA VAL A 12 -0.25 -11.51 13.83
C VAL A 12 -0.74 -12.43 14.95
N SER A 13 0.20 -12.90 15.77
CA SER A 13 -0.14 -13.74 16.91
C SER A 13 -0.95 -12.95 17.94
N ARG A 14 -1.85 -13.65 18.61
CA ARG A 14 -2.70 -13.05 19.62
C ARG A 14 -2.42 -13.65 20.99
N PRO A 15 -2.00 -12.87 21.97
CA PRO A 15 -1.76 -13.45 23.30
C PRO A 15 -3.08 -13.68 24.02
N GLY A 16 -3.38 -14.95 24.26
CA GLY A 16 -4.63 -15.31 24.91
C GLY A 16 -5.48 -16.20 24.02
N LEU A 17 -5.68 -15.79 22.77
CA LEU A 17 -6.21 -16.66 21.74
C LEU A 17 -5.09 -17.51 21.13
N GLY A 18 -5.47 -18.52 20.37
CA GLY A 18 -4.48 -19.45 19.85
C GLY A 18 -4.21 -19.27 18.37
N GLU A 19 -5.24 -18.85 17.62
CA GLU A 19 -5.14 -18.62 16.18
C GLU A 19 -4.76 -17.17 15.88
N PRO A 20 -3.70 -16.94 15.12
CA PRO A 20 -3.31 -15.57 14.78
C PRO A 20 -4.23 -14.97 13.72
N ARG A 21 -4.15 -13.65 13.60
CA ARG A 21 -4.81 -12.94 12.52
C ARG A 21 -3.99 -13.05 11.25
N PHE A 22 -4.60 -13.57 10.19
CA PHE A 22 -3.90 -13.89 8.95
C PHE A 22 -4.54 -13.14 7.79
N ILE A 23 -3.75 -12.31 7.10
CA ILE A 23 -4.22 -11.50 5.98
C ILE A 23 -3.34 -11.76 4.76
N ILE A 24 -3.97 -12.01 3.62
CA ILE A 24 -3.30 -12.04 2.33
C ILE A 24 -4.02 -11.06 1.42
N VAL A 25 -3.26 -10.18 0.77
CA VAL A 25 -3.75 -9.32 -0.30
C VAL A 25 -2.91 -9.62 -1.53
N GLY A 26 -3.56 -9.69 -2.69
CA GLY A 26 -2.90 -9.95 -3.95
C GLY A 26 -3.00 -8.72 -4.83
N TYR A 27 -1.91 -8.42 -5.56
CA TYR A 27 -1.80 -7.22 -6.39
C TYR A 27 -1.23 -7.61 -7.74
N VAL A 28 -1.85 -7.09 -8.80
CA VAL A 28 -1.21 -6.99 -10.11
C VAL A 28 -0.87 -5.52 -10.28
N ASP A 29 0.43 -5.21 -10.35
CA ASP A 29 0.87 -3.80 -10.46
C ASP A 29 0.41 -3.09 -9.19
N ASP A 30 -0.32 -1.96 -9.31
CA ASP A 30 -0.87 -1.21 -8.18
C ASP A 30 -2.33 -1.53 -7.92
N THR A 31 -2.90 -2.47 -8.66
CA THR A 31 -4.32 -2.83 -8.54
C THR A 31 -4.44 -4.10 -7.68
N GLN A 32 -5.07 -3.96 -6.51
CA GLN A 32 -5.40 -5.14 -5.70
C GLN A 32 -6.56 -5.91 -6.33
N PHE A 33 -6.53 -7.23 -6.24
CA PHE A 33 -7.56 -8.02 -6.90
C PHE A 33 -8.07 -9.21 -6.09
N VAL A 34 -7.34 -9.72 -5.09
CA VAL A 34 -7.85 -10.78 -4.23
C VAL A 34 -7.57 -10.37 -2.78
N ARG A 35 -8.28 -11.02 -1.86
CA ARG A 35 -8.07 -10.79 -0.43
C ARG A 35 -8.47 -12.02 0.38
N PHE A 36 -7.71 -12.30 1.43
CA PHE A 36 -8.10 -13.30 2.42
C PHE A 36 -7.88 -12.69 3.80
N ASP A 37 -8.89 -12.79 4.67
CA ASP A 37 -8.79 -12.29 6.04
C ASP A 37 -9.28 -13.37 7.01
N SER A 38 -8.38 -13.78 7.90
CA SER A 38 -8.72 -14.72 8.97
C SER A 38 -10.02 -14.35 9.67
N ASP A 39 -10.17 -13.07 10.03
CA ASP A 39 -11.25 -12.63 10.89
C ASP A 39 -12.50 -12.27 10.11
N ALA A 40 -12.74 -12.93 8.99
CA ALA A 40 -14.01 -12.76 8.32
C ALA A 40 -15.02 -13.74 8.89
N GLU A 41 -16.30 -13.42 8.68
CA GLU A 41 -17.36 -14.31 9.15
C GLU A 41 -17.18 -15.71 8.59
N ASN A 42 -16.82 -15.83 7.32
CA ASN A 42 -16.35 -17.10 6.75
C ASN A 42 -15.09 -16.79 5.96
N PRO A 43 -13.92 -17.18 6.46
CA PRO A 43 -12.67 -16.72 5.83
C PRO A 43 -12.45 -17.37 4.48
N ARG A 44 -12.71 -16.62 3.41
CA ARG A 44 -12.61 -17.14 2.05
C ARG A 44 -11.68 -16.25 1.24
N MET A 45 -11.14 -16.76 0.14
CA MET A 45 -10.48 -15.88 -0.82
C MET A 45 -11.55 -15.17 -1.64
N GLU A 46 -11.51 -13.83 -1.66
CA GLU A 46 -12.56 -12.96 -2.17
C GLU A 46 -12.04 -12.04 -3.28
N PRO A 47 -12.87 -11.71 -4.29
CA PRO A 47 -12.44 -10.78 -5.33
C PRO A 47 -12.32 -9.36 -4.78
N ARG A 48 -11.34 -8.61 -5.28
CA ARG A 48 -11.25 -7.19 -4.97
C ARG A 48 -11.18 -6.35 -6.23
N ALA A 49 -11.30 -6.96 -7.40
CA ALA A 49 -11.47 -6.26 -8.66
C ALA A 49 -12.50 -7.03 -9.46
N ARG A 50 -13.27 -6.33 -10.28
CA ARG A 50 -14.36 -7.00 -10.96
C ARG A 50 -13.83 -7.96 -12.02
N TRP A 51 -12.65 -7.72 -12.56
CA TRP A 51 -12.17 -8.53 -13.67
C TRP A 51 -11.69 -9.92 -13.23
N ILE A 52 -11.33 -10.11 -11.95
CA ILE A 52 -11.02 -11.45 -11.44
C ILE A 52 -12.28 -12.25 -11.20
N GLU A 53 -13.46 -11.61 -11.23
CA GLU A 53 -14.69 -12.38 -11.08
C GLU A 53 -14.98 -13.25 -12.30
N GLN A 54 -14.09 -13.24 -13.29
CA GLN A 54 -14.16 -14.11 -14.46
C GLN A 54 -13.62 -15.52 -14.19
N GLU A 55 -13.25 -15.83 -12.96
CA GLU A 55 -12.72 -17.15 -12.65
C GLU A 55 -13.84 -17.98 -12.05
N GLY A 56 -13.89 -19.25 -12.45
CA GLY A 56 -14.90 -20.16 -11.97
C GLY A 56 -14.66 -20.55 -10.53
N PRO A 57 -15.63 -21.25 -9.93
CA PRO A 57 -15.54 -21.57 -8.49
C PRO A 57 -14.37 -22.47 -8.12
N GLU A 58 -13.81 -23.23 -9.07
CA GLU A 58 -12.63 -24.05 -8.80
C GLU A 58 -11.43 -23.19 -8.41
N TYR A 59 -11.22 -22.08 -9.14
CA TYR A 59 -10.20 -21.12 -8.74
C TYR A 59 -10.42 -20.67 -7.30
N TRP A 60 -11.65 -20.24 -6.96
CA TRP A 60 -11.89 -19.72 -5.62
C TRP A 60 -11.80 -20.79 -4.56
N GLU A 61 -12.12 -22.05 -4.91
CA GLU A 61 -12.03 -23.14 -3.95
C GLU A 61 -10.57 -23.51 -3.67
N ARG A 62 -9.76 -23.61 -4.73
CA ARG A 62 -8.33 -23.89 -4.56
C ARG A 62 -7.64 -22.77 -3.78
N GLU A 63 -7.92 -21.52 -4.14
CA GLU A 63 -7.28 -20.40 -3.47
C GLU A 63 -7.75 -20.25 -2.03
N THR A 64 -9.02 -20.55 -1.72
CA THR A 64 -9.43 -20.52 -0.33
C THR A 64 -8.72 -21.59 0.48
N TRP A 65 -8.60 -22.81 -0.05
CA TRP A 65 -7.96 -23.86 0.73
C TRP A 65 -6.47 -23.58 0.90
N LYS A 66 -5.83 -23.05 -0.14
CA LYS A 66 -4.41 -22.74 -0.02
C LYS A 66 -4.17 -21.60 0.95
N ALA A 67 -4.99 -20.56 0.89
CA ALA A 67 -4.89 -19.51 1.91
C ALA A 67 -5.04 -20.10 3.30
N ARG A 68 -6.03 -20.97 3.49
CA ARG A 68 -6.26 -21.59 4.79
C ARG A 68 -5.07 -22.44 5.21
N ASP A 69 -4.49 -23.17 4.25
CA ASP A 69 -3.30 -23.96 4.53
C ASP A 69 -2.11 -23.08 4.88
N MET A 70 -1.93 -21.95 4.17
CA MET A 70 -0.86 -21.02 4.51
C MET A 70 -1.00 -20.48 5.93
N GLY A 71 -2.24 -20.22 6.35
CA GLY A 71 -2.43 -19.70 7.69
C GLY A 71 -1.99 -20.69 8.75
N ARG A 72 -2.16 -21.98 8.50
CA ARG A 72 -1.71 -22.98 9.45
C ARG A 72 -0.19 -23.06 9.49
N ASN A 73 0.47 -22.88 8.34
CA ASN A 73 1.92 -22.81 8.35
C ASN A 73 2.41 -21.56 9.08
N PHE A 74 1.75 -20.43 8.89
CA PHE A 74 2.22 -19.21 9.52
C PHE A 74 1.94 -19.19 11.01
N ARG A 75 0.96 -19.97 11.48
CA ARG A 75 0.80 -20.18 12.90
C ARG A 75 1.98 -20.96 13.48
N VAL A 76 2.39 -22.03 12.79
CA VAL A 76 3.52 -22.83 13.25
C VAL A 76 4.81 -22.01 13.25
N ASN A 77 5.09 -21.34 12.13
CA ASN A 77 6.31 -20.55 12.04
C ASN A 77 6.38 -19.50 13.14
N LEU A 78 5.23 -18.90 13.49
CA LEU A 78 5.24 -17.91 14.58
C LEU A 78 5.61 -18.57 15.90
N ARG A 79 5.17 -19.81 16.10
CA ARG A 79 5.51 -20.56 17.30
C ARG A 79 6.99 -20.98 17.30
N THR A 80 7.50 -21.43 16.15
CA THR A 80 8.93 -21.70 16.01
C THR A 80 9.78 -20.49 16.39
N LEU A 81 9.42 -19.31 15.89
CA LEU A 81 10.25 -18.14 16.15
C LEU A 81 10.15 -17.69 17.60
N LEU A 82 9.05 -18.01 18.28
CA LEU A 82 8.92 -17.73 19.71
C LEU A 82 10.02 -18.40 20.50
N GLY A 83 10.36 -19.64 20.14
CA GLY A 83 11.43 -20.38 20.79
C GLY A 83 12.80 -19.93 20.35
N TYR A 84 13.02 -19.75 19.05
CA TYR A 84 14.29 -19.20 18.56
C TYR A 84 14.72 -18.00 19.38
N TYR A 85 13.81 -17.05 19.59
CA TYR A 85 14.14 -15.81 20.29
C TYR A 85 13.92 -15.88 21.79
N ASN A 86 13.36 -16.97 22.31
CA ASN A 86 13.10 -17.14 23.74
C ASN A 86 12.13 -16.05 24.23
N GLN A 87 11.00 -15.91 23.54
CA GLN A 87 10.03 -14.89 23.90
C GLN A 87 8.81 -15.52 24.54
N SER A 88 8.01 -14.69 25.18
CA SER A 88 6.85 -15.14 25.93
C SER A 88 5.58 -15.06 25.09
N ASN A 89 4.59 -15.85 25.48
CA ASN A 89 3.35 -15.94 24.72
C ASN A 89 2.37 -14.79 25.00
N ASP A 90 2.60 -13.97 26.04
CA ASP A 90 1.65 -12.91 26.33
C ASP A 90 1.93 -11.61 25.59
N GLU A 91 2.64 -11.66 24.46
CA GLU A 91 2.90 -10.48 23.65
C GLU A 91 2.73 -10.83 22.18
N SER A 92 2.36 -9.83 21.40
CA SER A 92 2.04 -9.99 19.99
C SER A 92 3.29 -9.86 19.13
N HIS A 93 3.37 -10.70 18.10
CA HIS A 93 4.44 -10.63 17.10
C HIS A 93 3.83 -10.80 15.71
N THR A 94 4.56 -10.38 14.70
CA THR A 94 4.08 -10.44 13.32
C THR A 94 5.12 -11.11 12.44
N LEU A 95 4.64 -11.91 11.50
CA LEU A 95 5.43 -12.42 10.38
C LEU A 95 4.82 -11.90 9.09
N GLN A 96 5.63 -11.22 8.28
CA GLN A 96 5.23 -10.69 7.00
C GLN A 96 5.96 -11.42 5.88
N TRP A 97 5.27 -11.66 4.76
CA TRP A 97 5.84 -12.38 3.62
C TRP A 97 5.39 -11.71 2.32
N MET A 98 6.33 -11.19 1.56
CA MET A 98 6.08 -10.74 0.19
C MET A 98 6.70 -11.68 -0.82
N TYR A 99 5.96 -11.95 -1.90
CA TYR A 99 6.54 -12.73 -2.99
C TYR A 99 5.79 -12.41 -4.27
N GLY A 100 6.44 -12.69 -5.38
CA GLY A 100 5.83 -12.48 -6.68
C GLY A 100 6.88 -12.16 -7.72
N CYS A 101 6.42 -11.81 -8.90
CA CYS A 101 7.33 -11.68 -10.02
C CYS A 101 7.17 -10.33 -10.71
N ASP A 102 8.30 -9.74 -11.08
CA ASP A 102 8.35 -8.66 -12.05
C ASP A 102 8.61 -9.26 -13.43
N VAL A 103 7.76 -8.96 -14.40
CA VAL A 103 8.00 -9.37 -15.78
C VAL A 103 8.19 -8.13 -16.64
N GLY A 104 8.97 -8.30 -17.71
CA GLY A 104 9.27 -7.21 -18.59
C GLY A 104 8.30 -7.09 -19.76
N PRO A 105 8.58 -6.14 -20.65
CA PRO A 105 7.64 -5.90 -21.77
C PRO A 105 7.45 -7.12 -22.65
N ASP A 106 8.53 -7.83 -22.98
CA ASP A 106 8.41 -9.11 -23.68
C ASP A 106 7.58 -10.12 -22.91
N GLY A 107 7.38 -9.90 -21.60
CA GLY A 107 6.64 -10.83 -20.76
C GLY A 107 7.48 -11.90 -20.11
N ARG A 108 8.79 -11.69 -20.02
CA ARG A 108 9.76 -12.61 -19.43
C ARG A 108 10.09 -12.13 -18.02
N LEU A 109 10.48 -13.07 -17.15
CA LEU A 109 10.71 -12.76 -15.74
C LEU A 109 11.96 -11.91 -15.56
N LEU A 110 11.84 -10.77 -14.89
CA LEU A 110 12.99 -9.93 -14.54
C LEU A 110 13.52 -10.18 -13.13
N ARG A 111 12.65 -10.13 -12.14
CA ARG A 111 13.04 -10.41 -10.77
C ARG A 111 11.91 -11.16 -10.09
N GLY A 112 12.25 -12.11 -9.24
CA GLY A 112 11.29 -12.80 -8.39
C GLY A 112 11.59 -12.44 -6.95
N TYR A 113 10.57 -12.46 -6.11
CA TYR A 113 10.79 -12.14 -4.71
C TYR A 113 10.21 -13.23 -3.84
N CYS A 114 10.89 -13.46 -2.71
CA CYS A 114 10.38 -14.33 -1.64
C CYS A 114 11.13 -13.87 -0.37
N GLN A 115 10.51 -12.94 0.36
CA GLN A 115 11.17 -12.34 1.50
C GLN A 115 10.20 -12.18 2.66
N GLU A 116 10.77 -12.30 3.88
CA GLU A 116 10.01 -12.30 5.14
C GLU A 116 10.64 -11.39 6.19
N ALA A 117 9.79 -10.89 7.10
CA ALA A 117 10.22 -10.03 8.18
C ALA A 117 9.49 -10.44 9.46
N TYR A 118 10.22 -10.45 10.57
CA TYR A 118 9.68 -10.68 11.90
C TYR A 118 9.68 -9.37 12.67
N ASP A 119 8.51 -9.01 13.18
CA ASP A 119 8.33 -7.76 13.94
C ASP A 119 8.80 -6.58 13.10
N GLY A 120 8.65 -6.71 11.77
CA GLY A 120 8.85 -5.61 10.87
C GLY A 120 10.29 -5.32 10.56
N GLN A 121 11.18 -6.25 10.86
CA GLN A 121 12.60 -6.17 10.49
C GLN A 121 12.98 -7.37 9.65
N ASP A 122 13.87 -7.15 8.68
CA ASP A 122 14.33 -8.21 7.78
C ASP A 122 14.69 -9.49 8.54
N TYR A 123 14.12 -10.62 8.10
CA TYR A 123 14.36 -11.93 8.69
C TYR A 123 15.16 -12.80 7.73
N ILE A 124 14.50 -13.33 6.71
CA ILE A 124 15.17 -14.09 5.66
C ILE A 124 14.61 -13.64 4.32
N SER A 125 15.45 -13.61 3.30
CA SER A 125 14.99 -13.23 1.96
C SER A 125 15.68 -14.11 0.94
N LEU A 126 14.95 -14.40 -0.13
CA LEU A 126 15.54 -15.16 -1.23
C LEU A 126 16.32 -14.20 -2.12
N ASN A 127 17.53 -14.61 -2.52
CA ASN A 127 18.39 -13.73 -3.28
C ASN A 127 17.92 -13.59 -4.73
N GLU A 128 18.51 -12.64 -5.44
CA GLU A 128 18.11 -12.44 -6.84
C GLU A 128 18.39 -13.67 -7.70
N ASP A 129 19.44 -14.43 -7.40
CA ASP A 129 19.72 -15.65 -8.17
C ASP A 129 18.64 -16.73 -8.01
N LEU A 130 17.68 -16.53 -7.08
CA LEU A 130 16.64 -17.48 -6.73
C LEU A 130 17.21 -18.84 -6.29
N ARG A 131 18.44 -18.85 -5.79
CA ARG A 131 19.11 -20.10 -5.41
C ARG A 131 19.74 -20.08 -4.03
N SER A 132 19.98 -18.91 -3.43
CA SER A 132 20.56 -18.82 -2.10
C SER A 132 19.72 -17.85 -1.28
N TRP A 133 19.96 -17.84 0.04
CA TRP A 133 19.19 -17.03 0.98
C TRP A 133 20.08 -16.06 1.74
N THR A 134 19.48 -15.01 2.25
CA THR A 134 20.15 -14.08 3.14
C THR A 134 19.44 -14.08 4.49
N ALA A 135 20.20 -14.28 5.55
CA ALA A 135 19.71 -14.27 6.92
C ALA A 135 20.23 -13.01 7.59
N ASN A 136 19.68 -12.71 8.77
CA ASN A 136 19.91 -11.41 9.38
C ASN A 136 20.28 -11.44 10.86
N ASP A 137 20.29 -12.60 11.49
CA ASP A 137 20.65 -12.77 12.90
C ASP A 137 20.74 -14.28 13.14
N ILE A 138 20.86 -14.68 14.42
CA ILE A 138 21.01 -16.10 14.75
C ILE A 138 19.80 -16.90 14.31
N ALA A 139 18.61 -16.32 14.50
CA ALA A 139 17.39 -17.09 14.30
C ALA A 139 17.14 -17.34 12.82
N SER A 140 17.26 -16.29 11.99
CA SER A 140 17.14 -16.49 10.54
C SER A 140 18.25 -17.38 9.99
N GLN A 141 19.42 -17.41 10.65
CA GLN A 141 20.47 -18.35 10.22
C GLN A 141 19.99 -19.80 10.32
N ILE A 142 19.23 -20.13 11.37
CA ILE A 142 18.66 -21.46 11.52
C ILE A 142 17.67 -21.72 10.40
N SER A 143 16.72 -20.79 10.22
CA SER A 143 15.76 -20.89 9.14
C SER A 143 16.46 -21.10 7.81
N LYS A 144 17.50 -20.30 7.53
CA LYS A 144 18.23 -20.42 6.28
C LYS A 144 18.82 -21.81 6.10
N HIS A 145 19.38 -22.37 7.19
CA HIS A 145 19.97 -23.70 7.16
C HIS A 145 18.93 -24.78 6.93
N LYS A 146 17.77 -24.67 7.61
CA LYS A 146 16.65 -25.54 7.34
C LYS A 146 16.33 -25.54 5.84
N SER A 147 16.27 -24.34 5.26
CA SER A 147 15.80 -24.17 3.89
C SER A 147 16.83 -24.64 2.88
N GLU A 148 18.12 -24.45 3.17
CA GLU A 148 19.15 -25.05 2.33
C GLU A 148 19.02 -26.58 2.33
N ALA A 149 18.69 -27.18 3.49
CA ALA A 149 18.67 -28.64 3.59
C ALA A 149 17.50 -29.27 2.85
N VAL A 150 16.38 -28.55 2.68
CA VAL A 150 15.24 -29.09 1.96
C VAL A 150 15.15 -28.51 0.55
N ASP A 151 16.18 -27.79 0.11
CA ASP A 151 16.16 -27.07 -1.17
C ASP A 151 14.86 -26.29 -1.33
N GLU A 152 14.64 -25.37 -0.39
CA GLU A 152 13.50 -24.47 -0.48
C GLU A 152 13.64 -23.51 -1.66
N ALA A 153 14.88 -23.14 -1.99
CA ALA A 153 15.12 -22.21 -3.10
C ALA A 153 14.52 -22.74 -4.39
N HIS A 154 14.69 -24.02 -4.69
CA HIS A 154 14.20 -24.50 -5.97
C HIS A 154 12.70 -24.65 -5.99
N GLN A 155 12.08 -24.78 -4.82
CA GLN A 155 10.63 -24.78 -4.78
C GLN A 155 10.05 -23.39 -5.01
N GLN A 156 10.72 -22.35 -4.50
CA GLN A 156 10.28 -20.98 -4.72
C GLN A 156 10.64 -20.53 -6.14
N ARG A 157 11.86 -20.84 -6.59
CA ARG A 157 12.25 -20.55 -7.97
C ARG A 157 11.27 -21.15 -8.97
N ALA A 158 10.79 -22.37 -8.69
CA ALA A 158 9.83 -23.01 -9.58
C ALA A 158 8.55 -22.19 -9.67
N TYR A 159 8.05 -21.73 -8.53
CA TYR A 159 6.86 -20.90 -8.53
C TYR A 159 7.06 -19.63 -9.33
N LEU A 160 8.15 -18.91 -9.03
CA LEU A 160 8.34 -17.58 -9.59
C LEU A 160 8.62 -17.61 -11.09
N GLN A 161 9.29 -18.65 -11.60
CA GLN A 161 9.57 -18.73 -13.03
C GLN A 161 8.40 -19.28 -13.83
N GLY A 162 7.54 -20.09 -13.21
CA GLY A 162 6.44 -20.73 -13.91
C GLY A 162 5.10 -20.09 -13.62
N PRO A 163 4.36 -20.66 -12.65
CA PRO A 163 3.00 -20.17 -12.37
C PRO A 163 2.87 -18.67 -12.17
N CYS A 164 3.77 -18.03 -11.40
CA CYS A 164 3.68 -16.58 -11.20
C CYS A 164 3.66 -15.84 -12.54
N VAL A 165 4.55 -16.23 -13.47
CA VAL A 165 4.58 -15.58 -14.78
C VAL A 165 3.33 -15.92 -15.59
N GLU A 166 2.95 -17.20 -15.62
CA GLU A 166 1.77 -17.61 -16.38
C GLU A 166 0.48 -17.06 -15.78
N TRP A 167 0.36 -17.05 -14.45
CA TRP A 167 -0.84 -16.45 -13.87
C TRP A 167 -0.88 -14.96 -14.14
N LEU A 168 0.25 -14.27 -14.01
CA LEU A 168 0.28 -12.85 -14.33
C LEU A 168 -0.18 -12.59 -15.76
N HIS A 169 0.17 -13.48 -16.70
CA HIS A 169 -0.27 -13.31 -18.08
C HIS A 169 -1.77 -13.46 -18.20
N ARG A 170 -2.33 -14.43 -17.48
CA ARG A 170 -3.78 -14.62 -17.52
C ARG A 170 -4.50 -13.40 -16.94
N TYR A 171 -4.00 -12.88 -15.81
CA TYR A 171 -4.69 -11.74 -15.20
C TYR A 171 -4.61 -10.51 -16.09
N LEU A 172 -3.45 -10.28 -16.71
CA LEU A 172 -3.32 -9.16 -17.62
C LEU A 172 -4.29 -9.28 -18.78
N ARG A 173 -4.65 -10.51 -19.17
CA ARG A 173 -5.65 -10.69 -20.22
C ARG A 173 -7.08 -10.51 -19.67
N LEU A 174 -7.36 -10.99 -18.46
CA LEU A 174 -8.72 -10.81 -17.93
C LEU A 174 -8.98 -9.34 -17.62
N GLY A 175 -8.03 -8.68 -16.98
CA GLY A 175 -8.20 -7.29 -16.66
C GLY A 175 -7.46 -6.38 -17.61
N ASN A 176 -7.43 -6.70 -18.92
CA ASN A 176 -6.65 -5.90 -19.85
CA ASN A 176 -6.65 -5.90 -19.85
C ASN A 176 -7.16 -4.46 -19.90
N GLU A 177 -8.47 -4.29 -19.84
CA GLU A 177 -9.05 -2.96 -20.01
C GLU A 177 -8.69 -2.02 -18.88
N THR A 178 -8.48 -2.54 -17.68
CA THR A 178 -8.12 -1.68 -16.57
C THR A 178 -6.65 -1.78 -16.19
N LEU A 179 -6.00 -2.92 -16.44
CA LEU A 179 -4.59 -3.05 -16.09
C LEU A 179 -3.63 -2.55 -17.19
N GLN A 180 -3.95 -2.74 -18.47
CA GLN A 180 -3.07 -2.27 -19.54
C GLN A 180 -3.60 -0.95 -20.10
N ARG A 181 -3.51 0.07 -19.25
CA ARG A 181 -3.93 1.43 -19.60
C ARG A 181 -3.00 2.41 -18.90
N SER A 182 -2.96 3.62 -19.43
CA SER A 182 -2.32 4.73 -18.77
C SER A 182 -3.31 5.88 -18.74
N ASP A 183 -3.70 6.30 -17.54
CA ASP A 183 -4.49 7.50 -17.38
C ASP A 183 -3.53 8.60 -16.96
N PRO A 184 -3.25 9.57 -17.82
CA PRO A 184 -2.34 10.64 -17.42
C PRO A 184 -2.96 11.47 -16.32
N PRO A 185 -2.15 12.16 -15.52
CA PRO A 185 -2.72 13.05 -14.50
C PRO A 185 -3.30 14.31 -15.11
N LYS A 186 -4.23 14.92 -14.38
CA LYS A 186 -4.67 16.28 -14.63
C LYS A 186 -4.14 17.14 -13.48
N ALA A 187 -3.62 18.31 -13.80
CA ALA A 187 -2.80 19.01 -12.85
C ALA A 187 -3.20 20.48 -12.77
N HIS A 188 -3.09 21.05 -11.58
CA HIS A 188 -3.27 22.48 -11.38
C HIS A 188 -2.49 22.89 -10.14
N VAL A 189 -2.31 24.20 -10.01
CA VAL A 189 -1.60 24.81 -8.88
C VAL A 189 -2.61 25.63 -8.08
N THR A 190 -2.61 25.45 -6.76
CA THR A 190 -3.40 26.26 -5.86
C THR A 190 -2.48 27.17 -5.06
N HIS A 191 -3.10 28.21 -4.47
CA HIS A 191 -2.44 29.35 -3.87
C HIS A 191 -3.03 29.58 -2.48
N HIS A 192 -2.18 29.58 -1.47
CA HIS A 192 -2.62 29.70 -0.09
C HIS A 192 -1.66 30.58 0.72
N PRO A 193 -2.09 31.76 1.13
CA PRO A 193 -1.24 32.60 1.99
C PRO A 193 -0.80 31.87 3.25
N ARG A 194 0.50 31.93 3.54
CA ARG A 194 1.11 31.25 4.69
C ARG A 194 1.57 32.22 5.77
N SER A 195 1.99 33.43 5.41
CA SER A 195 2.33 34.49 6.34
C SER A 195 2.07 35.83 5.64
N GLU A 196 2.58 36.91 6.25
CA GLU A 196 2.45 38.24 5.63
C GLU A 196 3.20 38.32 4.30
N ASP A 197 4.51 38.01 4.30
CA ASP A 197 5.33 38.20 3.11
C ASP A 197 5.50 36.91 2.29
N GLU A 198 4.63 35.92 2.48
CA GLU A 198 4.85 34.57 1.95
C GLU A 198 3.53 33.94 1.51
N VAL A 199 3.67 32.85 0.73
CA VAL A 199 2.55 32.16 0.06
C VAL A 199 2.96 30.72 -0.24
N THR A 200 2.03 29.79 -0.01
CA THR A 200 2.22 28.36 -0.26
C THR A 200 1.62 27.98 -1.62
N LEU A 201 2.47 27.47 -2.52
CA LEU A 201 2.02 26.99 -3.83
C LEU A 201 2.00 25.47 -3.83
N ARG A 202 0.88 24.89 -4.23
CA ARG A 202 0.66 23.45 -4.20
C ARG A 202 0.35 22.95 -5.60
N CYS A 203 1.14 22.01 -6.08
CA CYS A 203 0.98 21.45 -7.42
C CYS A 203 0.27 20.12 -7.31
N TRP A 204 -0.95 20.06 -7.82
CA TRP A 204 -1.80 18.88 -7.74
C TRP A 204 -1.69 18.04 -9.00
N ALA A 205 -1.54 16.73 -8.81
CA ALA A 205 -1.79 15.75 -9.86
C ALA A 205 -2.91 14.85 -9.39
N LEU A 206 -3.85 14.54 -10.29
CA LEU A 206 -5.07 13.82 -9.91
C LEU A 206 -5.47 12.85 -11.01
N GLY A 207 -6.13 11.76 -10.64
CA GLY A 207 -6.78 10.89 -11.60
C GLY A 207 -5.84 10.08 -12.48
N PHE A 208 -4.65 9.72 -11.98
CA PHE A 208 -3.66 9.02 -12.80
C PHE A 208 -3.53 7.56 -12.38
N TYR A 209 -3.27 6.71 -13.37
CA TYR A 209 -2.87 5.31 -13.18
C TYR A 209 -1.82 4.95 -14.23
N PRO A 210 -0.74 4.21 -13.87
CA PRO A 210 -0.39 3.68 -12.54
C PRO A 210 0.08 4.74 -11.57
N ALA A 211 0.54 4.29 -10.40
CA ALA A 211 0.74 5.16 -9.25
C ALA A 211 2.02 5.98 -9.34
N ASP A 212 2.99 5.55 -10.15
CA ASP A 212 4.29 6.18 -10.17
C ASP A 212 4.22 7.51 -10.91
N ILE A 213 4.77 8.54 -10.28
CA ILE A 213 4.63 9.91 -10.74
C ILE A 213 5.76 10.68 -10.09
N THR A 214 6.17 11.78 -10.71
CA THR A 214 7.13 12.68 -10.09
C THR A 214 6.65 14.11 -10.30
N LEU A 215 6.68 14.90 -9.22
CA LEU A 215 6.43 16.34 -9.29
C LEU A 215 7.70 17.07 -8.90
N THR A 216 8.09 18.08 -9.67
CA THR A 216 9.20 18.94 -9.32
C THR A 216 8.69 20.37 -9.22
N TRP A 217 9.36 21.14 -8.38
CA TRP A 217 9.20 22.59 -8.34
C TRP A 217 10.56 23.21 -8.59
N GLN A 218 10.57 24.38 -9.21
CA GLN A 218 11.82 25.13 -9.24
C GLN A 218 11.53 26.62 -9.39
N LEU A 219 12.44 27.42 -8.83
CA LEU A 219 12.55 28.80 -9.21
C LEU A 219 13.21 28.90 -10.58
N ASN A 220 12.59 29.63 -11.51
CA ASN A 220 13.00 29.60 -12.90
C ASN A 220 14.49 29.95 -13.06
N GLY A 221 15.19 29.13 -13.83
CA GLY A 221 16.62 29.30 -13.99
C GLY A 221 17.47 28.75 -12.86
N GLU A 222 16.87 28.20 -11.81
CA GLU A 222 17.61 27.60 -10.73
C GLU A 222 17.37 26.10 -10.72
N GLU A 223 18.26 25.36 -10.07
CA GLU A 223 18.12 23.92 -10.07
C GLU A 223 16.92 23.53 -9.21
N LEU A 224 16.49 22.27 -9.32
CA LEU A 224 15.24 21.88 -8.69
C LEU A 224 15.35 22.04 -7.18
N THR A 225 14.22 22.32 -6.54
CA THR A 225 14.20 22.52 -5.11
C THR A 225 14.04 21.17 -4.40
N GLN A 226 14.95 20.89 -3.47
CA GLN A 226 14.75 19.80 -2.54
C GLN A 226 13.93 20.24 -1.32
N ASP A 227 13.76 21.55 -1.13
CA ASP A 227 13.12 22.11 0.05
C ASP A 227 11.60 22.01 -0.01
N MET A 228 11.07 20.81 -0.23
CA MET A 228 9.73 20.63 -0.77
C MET A 228 8.84 19.82 0.15
N GLU A 229 7.58 20.22 0.26
CA GLU A 229 6.60 19.46 1.01
C GLU A 229 5.87 18.49 0.09
N LEU A 230 6.03 17.19 0.35
CA LEU A 230 5.42 16.11 -0.41
C LEU A 230 4.42 15.35 0.46
N VAL A 231 3.43 14.73 -0.19
CA VAL A 231 2.62 13.72 0.45
C VAL A 231 2.90 12.40 -0.25
N GLU A 232 2.63 11.31 0.47
CA GLU A 232 2.67 10.00 -0.15
C GLU A 232 1.59 9.93 -1.22
N THR A 233 1.94 9.45 -2.41
CA THR A 233 0.91 9.11 -3.38
C THR A 233 -0.16 8.27 -2.70
N ARG A 234 -1.43 8.63 -2.92
CA ARG A 234 -2.55 8.09 -2.18
C ARG A 234 -3.63 7.64 -3.15
N PRO A 235 -4.43 6.65 -2.76
CA PRO A 235 -5.49 6.18 -3.66
C PRO A 235 -6.69 7.11 -3.56
N ALA A 236 -7.30 7.40 -4.72
CA ALA A 236 -8.55 8.13 -4.77
C ALA A 236 -9.73 7.28 -4.30
N GLY A 237 -9.60 5.95 -4.37
CA GLY A 237 -10.66 5.04 -4.02
C GLY A 237 -11.39 4.47 -5.21
N ASP A 238 -11.20 5.05 -6.40
CA ASP A 238 -11.84 4.63 -7.63
C ASP A 238 -10.88 3.94 -8.59
N GLY A 239 -9.65 3.65 -8.15
CA GLY A 239 -8.65 3.07 -9.02
C GLY A 239 -7.64 4.03 -9.59
N THR A 240 -7.76 5.33 -9.32
CA THR A 240 -6.71 6.27 -9.68
C THR A 240 -6.01 6.75 -8.41
N PHE A 241 -5.05 7.65 -8.59
CA PHE A 241 -4.16 8.05 -7.51
C PHE A 241 -4.04 9.57 -7.50
N GLN A 242 -3.50 10.10 -6.41
CA GLN A 242 -3.39 11.55 -6.25
C GLN A 242 -2.10 11.87 -5.54
N LYS A 243 -1.60 13.09 -5.77
CA LYS A 243 -0.40 13.56 -5.12
C LYS A 243 -0.33 15.08 -5.26
N TRP A 244 0.34 15.71 -4.31
CA TRP A 244 0.68 17.10 -4.46
C TRP A 244 2.06 17.34 -3.88
N ALA A 245 2.66 18.44 -4.32
CA ALA A 245 3.94 18.93 -3.88
C ALA A 245 3.80 20.41 -3.61
N ALA A 246 4.29 20.88 -2.48
CA ALA A 246 4.10 22.27 -2.09
C ALA A 246 5.44 22.94 -1.84
N VAL A 247 5.41 24.27 -1.99
CA VAL A 247 6.59 25.11 -1.85
C VAL A 247 6.10 26.46 -1.36
N VAL A 248 6.92 27.14 -0.55
CA VAL A 248 6.59 28.44 0.03
C VAL A 248 7.41 29.49 -0.68
N VAL A 249 6.74 30.49 -1.24
CA VAL A 249 7.37 31.46 -2.14
C VAL A 249 7.02 32.86 -1.65
N PRO A 250 7.81 33.87 -2.03
CA PRO A 250 7.51 35.24 -1.61
C PRO A 250 6.24 35.78 -2.25
N LEU A 251 5.46 36.52 -1.46
CA LEU A 251 4.31 37.23 -1.98
C LEU A 251 4.72 38.16 -3.11
N GLY A 252 4.18 37.91 -4.31
CA GLY A 252 4.46 38.70 -5.49
C GLY A 252 5.36 38.02 -6.51
N LYS A 253 6.22 37.10 -6.07
CA LYS A 253 7.11 36.40 -6.97
C LYS A 253 6.62 34.99 -7.30
N GLU A 254 5.30 34.79 -7.31
CA GLU A 254 4.74 33.45 -7.53
C GLU A 254 5.03 32.94 -8.94
N GLN A 255 4.91 33.81 -9.94
CA GLN A 255 5.03 33.37 -11.32
C GLN A 255 6.46 33.02 -11.72
N TYR A 256 7.43 33.26 -10.85
CA TYR A 256 8.79 32.85 -11.10
C TYR A 256 9.04 31.38 -10.76
N TYR A 257 8.02 30.65 -10.31
CA TYR A 257 8.18 29.25 -9.92
C TYR A 257 7.37 28.37 -10.87
N THR A 258 7.87 27.16 -11.11
CA THR A 258 7.31 26.27 -12.13
C THR A 258 7.26 24.84 -11.62
N CYS A 259 6.12 24.20 -11.84
CA CYS A 259 5.89 22.80 -11.49
C CYS A 259 5.97 21.97 -12.75
N HIS A 260 6.57 20.79 -12.64
CA HIS A 260 6.56 19.80 -13.73
C HIS A 260 5.96 18.51 -13.23
N VAL A 261 5.27 17.81 -14.11
CA VAL A 261 4.56 16.60 -13.73
C VAL A 261 4.96 15.51 -14.71
N TYR A 262 5.61 14.45 -14.21
CA TYR A 262 6.05 13.32 -15.03
C TYR A 262 5.26 12.06 -14.67
N HIS A 263 4.87 11.31 -15.70
CA HIS A 263 4.03 10.13 -15.56
C HIS A 263 4.18 9.28 -16.82
N GLU A 264 3.95 7.97 -16.69
CA GLU A 264 4.11 7.08 -17.83
C GLU A 264 3.14 7.43 -18.95
N GLY A 265 2.00 8.03 -18.62
CA GLY A 265 1.06 8.42 -19.63
C GLY A 265 1.28 9.77 -20.26
N LEU A 266 2.39 10.44 -19.94
CA LEU A 266 2.73 11.76 -20.49
C LEU A 266 3.95 11.65 -21.39
N PRO A 267 3.79 11.74 -22.71
CA PRO A 267 4.96 11.77 -23.60
C PRO A 267 5.94 12.88 -23.26
N GLU A 268 5.41 14.04 -22.85
CA GLU A 268 6.17 15.13 -22.27
C GLU A 268 5.58 15.50 -20.92
N PRO A 269 6.37 16.05 -20.00
CA PRO A 269 5.80 16.46 -18.72
C PRO A 269 4.79 17.58 -18.91
N LEU A 270 3.88 17.68 -17.95
CA LEU A 270 3.08 18.89 -17.81
C LEU A 270 3.92 20.00 -17.18
N THR A 271 3.65 21.23 -17.58
CA THR A 271 4.36 22.42 -17.07
C THR A 271 3.33 23.44 -16.59
N LEU A 272 3.27 23.66 -15.28
CA LEU A 272 2.26 24.51 -14.69
C LEU A 272 2.91 25.58 -13.83
N ARG A 273 2.19 26.67 -13.65
CA ARG A 273 2.57 27.69 -12.70
C ARG A 273 1.29 28.31 -12.14
N TRP A 274 1.44 29.11 -11.09
CA TRP A 274 0.28 29.75 -10.49
C TRP A 274 -0.31 30.76 -11.46
N GLU A 275 -1.62 30.65 -11.72
CA GLU A 275 -2.32 31.52 -12.68
C GLU A 275 -3.41 32.34 -11.99
N PRO A 276 -3.16 33.61 -11.69
CA PRO A 276 -4.13 34.40 -10.92
C PRO A 276 -5.48 34.47 -11.60
N PRO A 277 -6.59 34.38 -10.83
CA PRO A 277 -7.97 34.65 -11.30
C PRO A 277 -8.23 36.14 -11.46
N MET B 1 10.74 -3.75 17.43
CA MET B 1 9.56 -3.40 16.67
C MET B 1 9.64 -1.97 16.25
N ILE B 2 10.68 -1.29 16.77
CA ILE B 2 11.03 0.09 16.48
C ILE B 2 9.88 1.06 16.76
N GLN B 3 8.66 0.69 16.33
CA GLN B 3 7.43 1.49 16.46
C GLN B 3 7.51 2.68 15.51
N LYS B 4 6.62 2.71 14.53
CA LYS B 4 6.59 3.73 13.49
C LYS B 4 5.28 4.50 13.59
N THR B 5 5.36 5.83 13.52
CA THR B 5 4.06 6.43 13.83
C THR B 5 3.25 6.73 12.56
N PRO B 6 1.93 6.53 12.64
CA PRO B 6 1.08 6.67 11.45
C PRO B 6 1.14 8.07 10.86
N GLN B 7 1.25 8.11 9.53
CA GLN B 7 1.01 9.30 8.72
C GLN B 7 -0.42 9.25 8.21
N ILE B 8 -1.17 10.31 8.46
CA ILE B 8 -2.59 10.33 8.17
C ILE B 8 -2.87 11.41 7.13
N GLN B 9 -3.62 11.07 6.09
CA GLN B 9 -4.14 12.05 5.15
C GLN B 9 -5.65 11.90 5.07
N VAL B 10 -6.35 13.03 5.18
CA VAL B 10 -7.81 13.11 5.08
C VAL B 10 -8.15 13.96 3.86
N TYR B 11 -8.88 13.38 2.92
CA TYR B 11 -9.05 14.03 1.64
C TYR B 11 -10.25 13.42 0.95
N SER B 12 -10.88 14.21 0.09
CA SER B 12 -12.04 13.75 -0.68
C SER B 12 -11.59 13.10 -1.99
N ARG B 13 -12.37 12.13 -2.45
CA ARG B 13 -12.09 11.51 -3.73
C ARG B 13 -12.06 12.55 -4.84
N HIS B 14 -13.10 13.37 -4.93
CA HIS B 14 -13.17 14.42 -5.94
C HIS B 14 -13.03 15.77 -5.28
N PRO B 15 -12.63 16.81 -6.02
CA PRO B 15 -12.64 18.19 -5.46
C PRO B 15 -13.99 18.54 -4.87
N PRO B 16 -14.01 19.09 -3.65
CA PRO B 16 -15.29 19.28 -2.95
C PRO B 16 -16.10 20.46 -3.46
N GLU B 17 -17.42 20.25 -3.53
CA GLU B 17 -18.40 21.31 -3.74
C GLU B 17 -19.49 21.15 -2.70
N ASN B 18 -19.88 22.25 -2.07
CA ASN B 18 -20.97 22.22 -1.11
C ASN B 18 -22.25 21.68 -1.76
N GLY B 19 -22.78 20.60 -1.17
CA GLY B 19 -24.03 20.01 -1.59
C GLY B 19 -23.91 18.80 -2.50
N LYS B 20 -22.70 18.51 -3.02
CA LYS B 20 -22.50 17.44 -3.99
C LYS B 20 -21.92 16.20 -3.32
N PRO B 21 -22.61 15.06 -3.35
CA PRO B 21 -22.10 13.86 -2.68
C PRO B 21 -20.70 13.51 -3.16
N ASN B 22 -19.97 12.79 -2.31
CA ASN B 22 -18.54 12.62 -2.48
C ASN B 22 -18.10 11.48 -1.58
N ILE B 23 -16.81 11.15 -1.64
CA ILE B 23 -16.23 10.10 -0.82
C ILE B 23 -15.10 10.72 -0.01
N LEU B 24 -15.13 10.51 1.31
CA LEU B 24 -14.10 11.01 2.22
C LEU B 24 -13.13 9.89 2.58
N ASN B 25 -11.84 10.11 2.32
CA ASN B 25 -10.79 9.12 2.49
C ASN B 25 -9.92 9.45 3.68
N CYS B 26 -9.59 8.43 4.46
CA CYS B 26 -8.56 8.53 5.48
C CYS B 26 -7.47 7.50 5.16
N TYR B 27 -6.31 7.98 4.72
CA TYR B 27 -5.20 7.12 4.31
C TYR B 27 -4.14 7.13 5.41
N VAL B 28 -3.87 5.98 5.99
CA VAL B 28 -2.91 5.86 7.08
C VAL B 28 -1.76 4.97 6.63
N THR B 29 -0.54 5.51 6.61
CA THR B 29 0.63 4.82 6.07
C THR B 29 1.79 4.83 7.06
N GLN B 30 2.74 3.90 6.80
CA GLN B 30 4.08 3.86 7.38
C GLN B 30 4.07 3.73 8.90
N PHE B 31 3.28 2.79 9.40
CA PHE B 31 3.19 2.59 10.83
C PHE B 31 3.54 1.14 11.19
N HIS B 32 3.92 0.96 12.45
CA HIS B 32 4.27 -0.35 12.98
C HIS B 32 4.21 -0.27 14.50
N PRO B 33 3.64 -1.27 15.21
CA PRO B 33 3.03 -2.55 14.80
C PRO B 33 1.79 -2.37 13.90
N PRO B 34 1.22 -3.47 13.37
CA PRO B 34 0.05 -3.31 12.48
C PRO B 34 -1.26 -3.00 13.20
N HIS B 35 -1.37 -3.21 14.51
CA HIS B 35 -2.62 -2.97 15.21
C HIS B 35 -2.93 -1.48 15.26
N ILE B 36 -4.11 -1.08 14.75
CA ILE B 36 -4.45 0.33 14.62
C ILE B 36 -5.97 0.45 14.73
N GLU B 37 -6.43 1.58 15.26
CA GLU B 37 -7.85 1.87 15.33
C GLU B 37 -8.12 3.20 14.62
N ILE B 38 -9.00 3.17 13.62
CA ILE B 38 -9.30 4.34 12.82
C ILE B 38 -10.80 4.63 12.90
N GLN B 39 -11.14 5.86 13.25
CA GLN B 39 -12.52 6.34 13.33
C GLN B 39 -12.66 7.58 12.48
N MET B 40 -13.70 7.63 11.66
CA MET B 40 -14.02 8.83 10.89
C MET B 40 -15.16 9.57 11.56
N LEU B 41 -15.03 10.88 11.72
CA LEU B 41 -15.98 11.65 12.52
C LEU B 41 -16.59 12.79 11.70
N LYS B 42 -17.87 13.06 11.97
CA LYS B 42 -18.56 14.23 11.45
C LYS B 42 -19.07 15.05 12.63
N ASN B 43 -18.60 16.30 12.72
CA ASN B 43 -18.92 17.13 13.88
C ASN B 43 -18.55 16.41 15.17
N GLY B 44 -17.36 15.79 15.18
CA GLY B 44 -16.90 15.05 16.34
C GLY B 44 -17.68 13.79 16.67
N LYS B 45 -18.72 13.44 15.91
CA LYS B 45 -19.50 12.24 16.14
C LYS B 45 -19.05 11.12 15.21
N LYS B 46 -19.14 9.88 15.70
CA LYS B 46 -18.65 8.72 14.97
C LYS B 46 -19.53 8.46 13.75
N ILE B 47 -18.93 8.47 12.56
CA ILE B 47 -19.66 8.06 11.35
C ILE B 47 -19.82 6.54 11.36
N PRO B 48 -21.06 6.02 11.20
CA PRO B 48 -21.31 4.60 11.47
C PRO B 48 -20.76 3.65 10.42
N LYS B 49 -21.12 3.87 9.16
CA LYS B 49 -20.81 2.95 8.07
C LYS B 49 -19.54 3.46 7.37
N VAL B 50 -18.40 2.91 7.77
CA VAL B 50 -17.09 3.33 7.29
C VAL B 50 -16.43 2.12 6.66
N GLU B 51 -16.09 2.24 5.38
CA GLU B 51 -15.42 1.16 4.65
C GLU B 51 -13.95 1.13 5.01
N MET B 52 -13.45 -0.05 5.35
CA MET B 52 -12.07 -0.30 5.74
C MET B 52 -11.43 -1.19 4.68
N SER B 53 -10.33 -0.73 4.10
CA SER B 53 -9.64 -1.54 3.11
C SER B 53 -8.74 -2.56 3.80
N ASP B 54 -8.20 -3.48 3.02
CA ASP B 54 -7.32 -4.49 3.56
C ASP B 54 -5.95 -3.90 3.87
N MET B 55 -5.45 -4.22 5.06
CA MET B 55 -4.08 -3.92 5.44
C MET B 55 -3.07 -4.63 4.53
N SER B 56 -2.21 -3.85 3.90
CA SER B 56 -1.03 -4.34 3.20
C SER B 56 0.19 -3.66 3.82
N PHE B 57 1.33 -3.77 3.15
CA PHE B 57 2.52 -3.12 3.66
C PHE B 57 3.45 -2.76 2.51
N SER B 58 4.39 -1.86 2.80
CA SER B 58 5.30 -1.26 1.83
C SER B 58 6.62 -2.02 1.75
N LYS B 59 7.50 -1.54 0.88
CA LYS B 59 8.79 -2.20 0.65
C LYS B 59 9.69 -2.19 1.88
N ASP B 60 9.41 -1.34 2.87
CA ASP B 60 10.19 -1.33 4.10
C ASP B 60 9.49 -2.04 5.25
N TRP B 61 8.38 -2.75 5.00
CA TRP B 61 7.60 -3.59 5.93
C TRP B 61 6.58 -2.77 6.69
N SER B 62 6.49 -1.49 6.39
CA SER B 62 5.58 -0.57 7.07
C SER B 62 4.16 -0.78 6.57
N PHE B 63 3.17 -0.63 7.46
CA PHE B 63 1.80 -0.96 7.11
C PHE B 63 1.02 0.26 6.59
N TYR B 64 -0.02 -0.03 5.80
CA TYR B 64 -0.89 1.03 5.28
C TYR B 64 -2.29 0.50 5.07
N ILE B 65 -3.28 1.40 5.14
CA ILE B 65 -4.68 1.02 5.05
C ILE B 65 -5.50 2.25 4.69
N LEU B 66 -6.66 2.03 4.09
CA LEU B 66 -7.56 3.12 3.69
C LEU B 66 -8.92 2.92 4.34
N ALA B 67 -9.42 3.97 5.00
CA ALA B 67 -10.80 4.07 5.44
C ALA B 67 -11.52 5.08 4.55
N HIS B 68 -12.79 4.83 4.26
CA HIS B 68 -13.57 5.81 3.49
C HIS B 68 -15.06 5.65 3.76
N THR B 69 -15.79 6.73 3.49
CA THR B 69 -17.24 6.73 3.62
C THR B 69 -17.81 7.75 2.67
N GLU B 70 -19.08 7.54 2.30
CA GLU B 70 -19.83 8.50 1.51
C GLU B 70 -20.12 9.74 2.35
N PHE B 71 -20.03 10.92 1.74
CA PHE B 71 -20.39 12.13 2.47
C PHE B 71 -20.73 13.24 1.48
N THR B 72 -21.54 14.17 1.94
CA THR B 72 -21.88 15.38 1.20
C THR B 72 -21.32 16.59 1.96
N PRO B 73 -20.27 17.23 1.46
CA PRO B 73 -19.78 18.44 2.13
C PRO B 73 -20.85 19.52 2.15
N THR B 74 -20.88 20.25 3.26
CA THR B 74 -21.69 21.44 3.45
C THR B 74 -20.81 22.49 4.09
N GLU B 75 -21.21 23.75 3.98
CA GLU B 75 -20.36 24.81 4.52
C GLU B 75 -20.27 24.79 6.05
N THR B 76 -21.14 24.05 6.75
CA THR B 76 -21.09 24.03 8.22
C THR B 76 -20.46 22.76 8.79
N ASP B 77 -20.73 21.60 8.19
CA ASP B 77 -20.30 20.35 8.78
C ASP B 77 -18.78 20.22 8.76
N THR B 78 -18.25 19.50 9.75
CA THR B 78 -16.82 19.32 9.92
C THR B 78 -16.51 17.83 9.94
N TYR B 79 -15.39 17.45 9.32
CA TYR B 79 -15.04 16.05 9.16
C TYR B 79 -13.60 15.81 9.60
N ALA B 80 -13.36 14.62 10.13
CA ALA B 80 -12.06 14.31 10.68
C ALA B 80 -11.86 12.80 10.69
N CYS B 81 -10.60 12.42 10.80
CA CYS B 81 -10.17 11.06 11.09
C CYS B 81 -9.41 11.06 12.40
N ARG B 82 -9.80 10.18 13.32
CA ARG B 82 -9.09 9.95 14.57
C ARG B 82 -8.42 8.59 14.52
N VAL B 83 -7.14 8.54 14.89
CA VAL B 83 -6.33 7.34 14.80
C VAL B 83 -5.70 7.05 16.16
N LYS B 84 -5.84 5.81 16.63
CA LYS B 84 -5.17 5.34 17.83
C LYS B 84 -4.12 4.30 17.46
N HIS B 85 -2.94 4.42 18.05
CA HIS B 85 -1.86 3.50 17.70
C HIS B 85 -0.84 3.51 18.83
N ASP B 86 -0.12 2.40 18.97
CA ASP B 86 0.77 2.26 20.12
C ASP B 86 1.93 3.26 20.09
N SER B 87 2.34 3.70 18.90
CA SER B 87 3.37 4.73 18.78
C SER B 87 2.96 6.06 19.39
N MET B 88 1.69 6.26 19.73
CA MET B 88 1.19 7.57 20.13
C MET B 88 0.65 7.49 21.56
N ALA B 89 1.02 8.47 22.37
CA ALA B 89 0.49 8.56 23.73
C ALA B 89 -1.01 8.82 23.71
N GLU B 90 -1.45 9.74 22.84
CA GLU B 90 -2.86 10.09 22.68
C GLU B 90 -3.34 9.69 21.29
N PRO B 91 -4.63 9.40 21.13
CA PRO B 91 -5.20 9.32 19.77
C PRO B 91 -5.06 10.65 19.06
N LYS B 92 -4.73 10.60 17.77
CA LYS B 92 -4.51 11.78 16.96
C LYS B 92 -5.71 12.06 16.05
N THR B 93 -6.19 13.29 16.04
CA THR B 93 -7.30 13.69 15.18
C THR B 93 -6.80 14.61 14.08
N VAL B 94 -6.95 14.20 12.82
CA VAL B 94 -6.61 15.03 11.67
C VAL B 94 -7.90 15.47 11.00
N TYR B 95 -8.11 16.78 10.93
CA TYR B 95 -9.34 17.34 10.40
C TYR B 95 -9.23 17.49 8.88
N TRP B 96 -10.37 17.35 8.21
CA TRP B 96 -10.42 17.51 6.76
C TRP B 96 -10.25 18.96 6.38
N ASP B 97 -9.38 19.21 5.40
CA ASP B 97 -9.16 20.54 4.83
C ASP B 97 -9.76 20.57 3.43
N ARG B 98 -10.60 21.58 3.15
CA ARG B 98 -11.19 21.67 1.81
C ARG B 98 -10.20 22.15 0.74
N ASP B 99 -8.91 22.23 1.04
CA ASP B 99 -7.84 22.45 0.05
C ASP B 99 -6.59 21.64 0.43
N MET B 100 -6.81 20.46 1.03
CA MET B 100 -5.80 19.56 1.66
C MET B 100 -4.53 20.24 2.20
N ALA C 1 -2.41 -16.45 -8.84
CA ALA C 1 -2.67 -17.57 -7.93
C ALA C 1 -1.50 -17.68 -6.95
N GLN C 2 -1.79 -18.12 -5.74
CA GLN C 2 -0.80 -18.08 -4.66
C GLN C 2 0.24 -19.19 -4.83
N ALA C 3 1.36 -19.01 -4.15
CA ALA C 3 2.38 -20.05 -4.10
C ALA C 3 1.84 -21.27 -3.36
N GLU C 4 2.42 -22.44 -3.68
CA GLU C 4 2.01 -23.64 -2.97
C GLU C 4 2.69 -23.78 -1.62
N ARG C 5 3.93 -23.30 -1.51
CA ARG C 5 4.74 -23.52 -0.32
C ARG C 5 5.22 -22.20 0.26
N THR C 6 5.21 -22.14 1.57
CA THR C 6 5.99 -21.14 2.25
C THR C 6 7.18 -21.83 2.94
N PRO C 7 8.30 -21.14 3.06
CA PRO C 7 9.43 -21.70 3.82
C PRO C 7 9.01 -22.08 5.24
N GLU C 8 9.50 -23.23 5.70
CA GLU C 8 9.36 -23.65 7.09
C GLU C 8 10.53 -23.02 7.86
N LEU C 9 10.22 -22.07 8.73
CA LEU C 9 11.25 -21.26 9.40
C LEU C 9 11.90 -22.00 10.58
NI NI D . -13.39 -18.22 12.06
NI NI E . 14.51 -9.94 12.97
NI NI F . -15.31 -3.70 -21.96
NI NI G . 11.56 -30.62 -6.46
NI NI H . -8.42 -2.42 18.66
NI NI I . -17.25 2.33 -1.17
#